data_3NYE
#
_entry.id   3NYE
#
_cell.length_a   62.172
_cell.length_b   78.428
_cell.length_c   89.946
_cell.angle_alpha   90.00
_cell.angle_beta   90.00
_cell.angle_gamma   90.00
#
_symmetry.space_group_name_H-M   'P 21 21 21'
#
loop_
_entity.id
_entity.type
_entity.pdbx_description
1 polymer 'D-Arginine Dehydrogenase'
2 non-polymer 'FLAVIN-ADENINE DINUCLEOTIDE'
3 non-polymer '(2E)-5-[(diaminomethylidene)amino]-2-iminopentanoic acid'
4 water water
#
_entity_poly.entity_id   1
_entity_poly.type   'polypeptide(L)'
_entity_poly.pdbx_seq_one_letter_code
;HHHHHHPIEADYLVIGAGIAGASTGYWLSAHGRVVVLEREAQPGYHSTGRSAAHYTVAYGTPQVRALTAASRAFFDNPPA
GFCEHPLLSPRPEMVVDFSDDPEELRRQYESGKALVPQMRLLDAEQACSIVPVLRRDKVFGATYDPTGADIDTDALHQGY
LRGIRRNQGQVLCNHEALEIRRVDGAWEVRCDAGSYRAAVLVNAAGAWCDAIAGLAGVRPLGLQPKRRSAFIFAPPPGID
CHDWPMLVSLDESFYLKPDAGMLLGSPANADPVEAHDVQPEQLDIATGMYLIEEATTLTIRRPEHTWAGLRSFVADGDLV
AGYAANAEGFFWVAAQGGYGIQTSAAMGEASAALIRHQPLPAHLREHGLDEAMLSPRRLSP
;
_entity_poly.pdbx_strand_id   A
#
# COMPACT_ATOMS: atom_id res chain seq x y z
N HIS A 1 -28.36 -12.65 -26.26
CA HIS A 1 -29.50 -11.82 -26.64
C HIS A 1 -29.47 -10.38 -26.13
N HIS A 2 -28.64 -9.92 -25.21
CA HIS A 2 -28.60 -8.51 -24.89
C HIS A 2 -27.50 -7.86 -25.68
N HIS A 3 -27.69 -6.61 -26.08
CA HIS A 3 -26.65 -5.90 -26.82
C HIS A 3 -25.35 -5.77 -26.04
N HIS A 4 -24.25 -5.91 -26.75
CA HIS A 4 -22.96 -5.50 -26.20
C HIS A 4 -22.20 -4.75 -27.31
N HIS A 5 -21.34 -3.85 -26.86
CA HIS A 5 -20.47 -3.19 -27.83
C HIS A 5 -19.53 -4.14 -28.48
N HIS A 6 -19.03 -3.80 -29.66
CA HIS A 6 -17.99 -4.62 -30.28
C HIS A 6 -16.82 -4.75 -29.31
N PRO A 7 -16.10 -5.86 -29.29
CA PRO A 7 -14.94 -5.98 -28.40
C PRO A 7 -13.83 -4.98 -28.71
N ILE A 8 -13.17 -4.56 -27.60
CA ILE A 8 -12.07 -3.63 -27.68
C ILE A 8 -10.76 -4.40 -27.50
N GLU A 9 -9.81 -4.18 -28.41
CA GLU A 9 -8.50 -4.83 -28.38
C GLU A 9 -7.46 -3.97 -27.74
N ALA A 10 -6.60 -4.52 -26.91
CA ALA A 10 -5.51 -3.78 -26.26
C ALA A 10 -4.30 -4.71 -26.15
N ASP A 11 -3.22 -4.17 -25.59
CA ASP A 11 -2.05 -4.99 -25.30
C ASP A 11 -2.05 -5.54 -23.88
N TYR A 12 -2.58 -4.78 -22.93
CA TYR A 12 -2.60 -5.18 -21.53
C TYR A 12 -3.90 -4.68 -20.92
N LEU A 13 -4.65 -5.63 -20.35
CA LEU A 13 -5.88 -5.31 -19.62
C LEU A 13 -5.53 -5.32 -18.15
N VAL A 14 -5.71 -4.23 -17.44
CA VAL A 14 -5.41 -4.18 -15.99
C VAL A 14 -6.71 -4.21 -15.19
N ILE A 15 -6.89 -5.22 -14.33
CA ILE A 15 -8.13 -5.27 -13.53
C ILE A 15 -7.80 -4.62 -12.18
N GLY A 16 -8.47 -3.49 -11.91
CA GLY A 16 -8.25 -2.70 -10.70
C GLY A 16 -7.48 -1.41 -10.98
N ALA A 17 -8.05 -0.28 -10.49
CA ALA A 17 -7.42 1.03 -10.70
C ALA A 17 -6.95 1.66 -9.38
N GLY A 18 -6.69 0.83 -8.34
CA GLY A 18 -6.04 1.25 -7.12
C GLY A 18 -4.56 1.55 -7.35
N ILE A 19 -3.77 1.72 -6.29
CA ILE A 19 -2.37 2.06 -6.52
C ILE A 19 -1.66 0.96 -7.29
N ALA A 20 -2.05 -0.31 -7.15
CA ALA A 20 -1.33 -1.37 -7.89
C ALA A 20 -1.61 -1.28 -9.38
N GLY A 21 -2.88 -1.23 -9.78
CA GLY A 21 -3.17 -1.17 -11.23
C GLY A 21 -2.75 0.15 -11.82
N ALA A 22 -2.87 1.24 -11.07
CA ALA A 22 -2.49 2.55 -11.64
C ALA A 22 -0.99 2.62 -11.83
N SER A 23 -0.17 2.16 -10.89
CA SER A 23 1.29 2.24 -11.02
C SER A 23 1.76 1.29 -12.12
N THR A 24 1.25 0.08 -12.15
CA THR A 24 1.67 -0.81 -13.26
C THR A 24 1.22 -0.24 -14.59
N GLY A 25 -0.03 0.23 -14.68
CA GLY A 25 -0.53 0.77 -15.96
C GLY A 25 0.26 1.99 -16.38
N TYR A 26 0.67 2.84 -15.45
CA TYR A 26 1.48 4.02 -15.74
C TYR A 26 2.76 3.59 -16.48
N TRP A 27 3.52 2.65 -15.92
CA TRP A 27 4.77 2.24 -16.58
C TRP A 27 4.53 1.41 -17.82
N LEU A 28 3.41 0.71 -17.98
CA LEU A 28 3.14 0.02 -19.23
C LEU A 28 2.71 0.96 -20.37
N SER A 29 2.09 2.08 -20.01
CA SER A 29 1.29 2.82 -20.99
C SER A 29 2.13 3.45 -22.09
N ALA A 30 3.42 3.68 -21.89
CA ALA A 30 4.26 4.24 -22.95
C ALA A 30 4.58 3.20 -24.02
N HIS A 31 4.31 1.93 -23.75
CA HIS A 31 4.81 0.87 -24.60
C HIS A 31 3.71 0.16 -25.39
N GLY A 32 2.48 0.37 -25.03
CA GLY A 32 1.39 -0.41 -25.68
C GLY A 32 0.07 0.14 -25.18
N ARG A 33 -1.02 -0.44 -25.69
CA ARG A 33 -2.38 -0.03 -25.40
C ARG A 33 -2.80 -0.59 -24.04
N VAL A 34 -2.96 0.27 -23.05
CA VAL A 34 -3.42 -0.08 -21.72
C VAL A 34 -4.91 0.19 -21.59
N VAL A 35 -5.68 -0.76 -21.04
CA VAL A 35 -7.04 -0.49 -20.61
C VAL A 35 -7.14 -0.94 -19.15
N VAL A 36 -7.49 -0.01 -18.28
CA VAL A 36 -7.72 -0.35 -16.88
C VAL A 36 -9.22 -0.48 -16.63
N LEU A 37 -9.64 -1.61 -16.07
CA LEU A 37 -11.05 -1.87 -15.80
C LEU A 37 -11.26 -1.84 -14.28
N GLU A 38 -12.08 -0.88 -13.85
CA GLU A 38 -12.33 -0.68 -12.42
C GLU A 38 -13.81 -0.83 -12.07
N ARG A 39 -14.11 -1.67 -11.08
CA ARG A 39 -15.51 -1.94 -10.69
C ARG A 39 -16.25 -0.73 -10.17
N GLU A 40 -15.58 0.07 -9.32
CA GLU A 40 -16.26 1.17 -8.65
C GLU A 40 -16.36 2.39 -9.53
N ALA A 41 -17.14 3.38 -9.03
CA ALA A 41 -17.30 4.61 -9.80
C ALA A 41 -16.08 5.49 -9.67
N GLN A 42 -15.19 5.25 -8.73
CA GLN A 42 -13.97 5.98 -8.48
C GLN A 42 -12.83 4.99 -8.33
N PRO A 43 -11.58 5.33 -8.70
CA PRO A 43 -10.47 4.38 -8.58
C PRO A 43 -9.91 4.17 -7.18
N GLY A 44 -10.14 5.02 -6.24
CA GLY A 44 -9.50 4.91 -4.92
C GLY A 44 -10.50 4.65 -3.82
N TYR A 45 -11.58 3.95 -4.09
CA TYR A 45 -12.60 3.72 -3.06
C TYR A 45 -12.20 2.65 -2.06
N HIS A 46 -11.35 1.69 -2.45
CA HIS A 46 -10.96 0.61 -1.51
C HIS A 46 -9.63 0.97 -0.88
N SER A 47 -8.64 0.04 -0.85
CA SER A 47 -7.54 0.24 0.11
C SER A 47 -6.72 1.47 -0.17
N THR A 48 -6.60 1.83 -1.44
CA THR A 48 -5.73 2.97 -1.77
C THR A 48 -6.25 4.30 -1.22
N GLY A 49 -7.55 4.37 -0.93
CA GLY A 49 -8.11 5.59 -0.33
C GLY A 49 -8.22 5.50 1.18
N ARG A 50 -7.66 4.44 1.79
CA ARG A 50 -7.92 4.16 3.22
C ARG A 50 -6.66 4.05 4.05
N SER A 51 -5.50 4.45 3.51
CA SER A 51 -4.24 4.20 4.17
C SER A 51 -3.86 5.30 5.16
N ALA A 52 -2.76 5.06 5.90
CA ALA A 52 -2.25 6.04 6.83
C ALA A 52 -1.33 7.01 6.05
N ALA A 53 -1.19 6.79 4.74
CA ALA A 53 -0.38 7.66 3.91
C ALA A 53 1.05 7.87 4.41
N HIS A 54 1.80 6.84 4.82
CA HIS A 54 3.14 7.04 5.40
C HIS A 54 4.12 6.15 4.64
N TYR A 55 5.35 6.63 4.61
CA TYR A 55 6.52 6.00 4.01
C TYR A 55 7.50 5.67 5.13
N THR A 56 7.75 4.39 5.35
CA THR A 56 8.66 3.92 6.37
C THR A 56 9.62 2.88 5.80
N VAL A 57 10.94 3.06 5.72
CA VAL A 57 11.69 1.94 5.13
C VAL A 57 11.75 0.72 6.04
N ALA A 58 11.93 0.86 7.35
CA ALA A 58 12.19 -0.31 8.20
C ALA A 58 10.89 -0.91 8.66
N TYR A 59 10.17 -1.48 7.71
CA TYR A 59 8.82 -1.98 7.95
C TYR A 59 8.57 -3.12 6.99
N GLY A 60 8.06 -4.25 7.46
CA GLY A 60 7.79 -5.37 6.54
C GLY A 60 8.96 -6.32 6.41
N THR A 61 8.85 -7.28 5.53
CA THR A 61 9.94 -8.24 5.30
C THR A 61 11.09 -7.60 4.53
N PRO A 62 12.24 -8.25 4.38
CA PRO A 62 13.32 -7.72 3.54
C PRO A 62 12.96 -7.37 2.11
N GLN A 63 12.14 -8.14 1.41
CA GLN A 63 11.69 -7.76 0.06
C GLN A 63 10.92 -6.45 0.08
N VAL A 64 10.03 -6.28 1.08
CA VAL A 64 9.22 -5.06 1.20
C VAL A 64 10.15 -3.86 1.37
N ARG A 65 11.14 -4.03 2.27
CA ARG A 65 12.02 -2.90 2.58
C ARG A 65 12.82 -2.54 1.33
N ALA A 66 13.22 -3.49 0.51
CA ALA A 66 13.91 -3.16 -0.74
C ALA A 66 12.99 -2.44 -1.72
N LEU A 67 11.74 -2.90 -1.90
CA LEU A 67 10.81 -2.18 -2.77
C LEU A 67 10.56 -0.74 -2.35
N THR A 68 10.43 -0.51 -1.03
CA THR A 68 10.15 0.80 -0.46
C THR A 68 11.37 1.69 -0.71
N ALA A 69 12.55 1.16 -0.34
CA ALA A 69 13.76 1.97 -0.56
C ALA A 69 13.92 2.39 -2.04
N ALA A 70 13.64 1.42 -2.94
CA ALA A 70 13.81 1.65 -4.37
C ALA A 70 12.75 2.61 -4.93
N SER A 71 11.66 2.87 -4.22
CA SER A 71 10.62 3.78 -4.69
C SER A 71 10.91 5.25 -4.38
N ARG A 72 11.81 5.51 -3.43
CA ARG A 72 12.01 6.89 -2.96
C ARG A 72 12.46 7.81 -4.06
N ALA A 73 13.32 7.35 -4.96
CA ALA A 73 13.80 8.25 -6.02
C ALA A 73 12.68 8.84 -6.88
N PHE A 74 11.70 8.00 -7.22
CA PHE A 74 10.54 8.48 -7.96
C PHE A 74 9.70 9.46 -7.12
N PHE A 75 9.46 9.07 -5.85
CA PHE A 75 8.60 9.95 -5.05
C PHE A 75 9.23 11.33 -4.89
N ASP A 76 10.55 11.40 -4.76
CA ASP A 76 11.18 12.67 -4.41
C ASP A 76 11.36 13.52 -5.63
N ASN A 77 11.55 12.84 -6.79
CA ASN A 77 11.85 13.53 -8.04
C ASN A 77 11.17 12.87 -9.23
N PRO A 78 9.82 12.94 -9.29
CA PRO A 78 9.07 12.29 -10.37
C PRO A 78 9.27 13.06 -11.67
N PRO A 79 8.94 12.45 -12.79
CA PRO A 79 9.11 13.11 -14.10
C PRO A 79 8.37 14.43 -14.18
N ALA A 80 8.96 15.33 -14.97
CA ALA A 80 8.29 16.61 -15.23
C ALA A 80 6.85 16.38 -15.69
N GLY A 81 5.96 17.14 -15.06
CA GLY A 81 4.59 16.98 -15.54
C GLY A 81 3.84 15.90 -14.79
N PHE A 82 4.47 15.12 -13.91
CA PHE A 82 3.75 14.05 -13.25
C PHE A 82 2.73 14.64 -12.26
N CYS A 83 3.11 15.66 -11.49
CA CYS A 83 2.18 16.19 -10.47
C CYS A 83 2.58 17.62 -10.11
N GLU A 84 1.71 18.41 -9.51
CA GLU A 84 1.89 19.84 -9.31
C GLU A 84 2.73 20.21 -8.10
N HIS A 85 2.71 19.33 -7.11
CA HIS A 85 3.28 19.61 -5.79
C HIS A 85 4.11 18.44 -5.29
N PRO A 86 5.02 18.62 -4.35
CA PRO A 86 5.78 17.48 -3.83
C PRO A 86 4.91 16.34 -3.33
N LEU A 87 5.35 15.11 -3.60
CA LEU A 87 4.60 13.93 -3.16
C LEU A 87 4.88 13.47 -1.73
N LEU A 88 6.04 13.84 -1.19
CA LEU A 88 6.40 13.53 0.18
C LEU A 88 6.58 14.79 1.04
N SER A 89 6.21 14.64 2.33
CA SER A 89 6.34 15.69 3.33
C SER A 89 7.10 15.06 4.47
N PRO A 90 8.01 15.74 5.15
CA PRO A 90 8.79 15.08 6.20
C PRO A 90 7.97 14.60 7.39
N ARG A 91 8.17 13.35 7.79
CA ARG A 91 7.43 12.83 8.95
C ARG A 91 8.23 11.65 9.49
N PRO A 92 9.24 11.91 10.30
CA PRO A 92 9.99 10.87 11.00
C PRO A 92 9.04 9.93 11.73
N GLU A 93 9.55 8.70 11.92
CA GLU A 93 8.80 7.69 12.67
C GLU A 93 9.52 7.39 13.98
N MET A 94 8.76 7.35 15.07
CA MET A 94 9.29 7.01 16.37
C MET A 94 8.57 5.75 16.85
N VAL A 95 9.32 4.66 17.00
CA VAL A 95 8.73 3.41 17.46
C VAL A 95 9.02 3.29 18.95
N VAL A 96 8.03 3.32 19.81
CA VAL A 96 8.24 3.39 21.25
C VAL A 96 7.98 2.05 21.91
N ASP A 97 8.92 1.65 22.80
CA ASP A 97 8.72 0.45 23.63
C ASP A 97 7.85 0.78 24.83
N PHE A 98 6.62 0.33 24.76
CA PHE A 98 5.67 0.45 25.85
C PHE A 98 5.57 -0.83 26.68
N SER A 99 6.32 -1.88 26.32
CA SER A 99 6.16 -3.11 27.09
C SER A 99 7.43 -3.58 27.77
N ASP A 100 8.50 -2.81 27.79
CA ASP A 100 9.78 -3.09 28.45
C ASP A 100 10.37 -4.38 27.90
N ASP A 101 10.86 -4.31 26.67
CA ASP A 101 11.43 -5.39 25.90
C ASP A 101 12.69 -4.87 25.22
N PRO A 102 13.71 -4.61 26.03
CA PRO A 102 14.94 -4.00 25.50
C PRO A 102 15.58 -4.87 24.43
N GLU A 103 15.40 -6.20 24.51
CA GLU A 103 16.06 -7.05 23.50
C GLU A 103 15.37 -6.86 22.17
N GLU A 104 14.04 -6.73 22.18
CA GLU A 104 13.34 -6.45 20.92
C GLU A 104 13.65 -5.05 20.38
N LEU A 105 13.68 -4.09 21.30
CA LEU A 105 13.98 -2.73 20.86
C LEU A 105 15.36 -2.67 20.22
N ARG A 106 16.37 -3.29 20.85
CA ARG A 106 17.71 -3.36 20.22
C ARG A 106 17.67 -4.08 18.88
N ARG A 107 16.92 -5.20 18.79
CA ARG A 107 16.89 -5.91 17.51
C ARG A 107 16.35 -4.98 16.42
N GLN A 108 15.30 -4.22 16.75
CA GLN A 108 14.69 -3.39 15.69
C GLN A 108 15.62 -2.24 15.38
N TYR A 109 16.30 -1.71 16.39
CA TYR A 109 17.26 -0.63 16.07
C TYR A 109 18.36 -1.11 15.15
N GLU A 110 18.99 -2.26 15.47
CA GLU A 110 20.10 -2.74 14.67
C GLU A 110 19.64 -3.07 13.27
N SER A 111 18.47 -3.69 13.14
CA SER A 111 17.90 -4.02 11.84
C SER A 111 17.65 -2.77 11.00
N GLY A 112 17.08 -1.77 11.68
CA GLY A 112 16.67 -0.57 10.96
C GLY A 112 17.89 0.23 10.56
N LYS A 113 18.85 0.31 11.48
CA LYS A 113 20.04 1.10 11.15
C LYS A 113 20.83 0.53 10.00
N ALA A 114 20.86 -0.79 9.79
CA ALA A 114 21.53 -1.34 8.62
C ALA A 114 20.93 -0.78 7.34
N LEU A 115 19.64 -0.47 7.30
CA LEU A 115 18.94 0.04 6.13
C LEU A 115 18.97 1.56 6.10
N VAL A 116 18.90 2.16 7.26
CA VAL A 116 18.76 3.59 7.45
C VAL A 116 19.86 4.07 8.39
N PRO A 117 21.00 4.47 7.85
CA PRO A 117 22.11 4.86 8.73
C PRO A 117 21.81 5.92 9.76
N GLN A 118 20.85 6.80 9.47
CA GLN A 118 20.50 7.84 10.44
C GLN A 118 19.55 7.36 11.54
N MET A 119 19.13 6.09 11.54
CA MET A 119 18.26 5.66 12.63
CA MET A 119 18.32 5.54 12.62
C MET A 119 18.95 5.77 13.98
N ARG A 120 18.20 6.20 14.98
CA ARG A 120 18.74 6.42 16.34
C ARG A 120 18.00 5.57 17.35
N LEU A 121 18.72 5.24 18.42
CA LEU A 121 18.18 4.57 19.60
C LEU A 121 17.97 5.63 20.68
N LEU A 122 16.72 5.81 21.13
CA LEU A 122 16.41 6.84 22.11
C LEU A 122 16.15 6.25 23.47
N ASP A 123 16.48 7.01 24.50
CA ASP A 123 16.06 6.58 25.86
C ASP A 123 14.65 7.12 26.10
N ALA A 124 14.02 6.73 27.23
CA ALA A 124 12.66 7.12 27.47
C ALA A 124 12.53 8.64 27.55
N GLU A 125 13.47 9.35 28.17
CA GLU A 125 13.44 10.83 28.25
C GLU A 125 13.44 11.44 26.86
N GLN A 126 14.24 10.93 25.94
CA GLN A 126 14.27 11.49 24.57
C GLN A 126 12.94 11.27 23.87
N ALA A 127 12.31 10.11 24.03
CA ALA A 127 11.03 9.85 23.38
C ALA A 127 10.02 10.87 23.91
N CYS A 128 10.03 11.07 25.23
CA CYS A 128 8.99 11.96 25.82
C CYS A 128 9.27 13.41 25.42
N SER A 129 10.50 13.78 25.15
CA SER A 129 10.77 15.16 24.68
C SER A 129 10.17 15.37 23.31
N ILE A 130 10.16 14.34 22.46
CA ILE A 130 9.60 14.51 21.10
C ILE A 130 8.08 14.47 21.09
N VAL A 131 7.43 13.62 21.86
CA VAL A 131 5.96 13.58 21.95
C VAL A 131 5.64 13.77 23.43
N PRO A 132 5.47 15.01 23.89
CA PRO A 132 5.43 15.31 25.31
C PRO A 132 4.17 14.84 26.03
N VAL A 133 3.18 14.36 25.29
CA VAL A 133 1.96 13.79 25.94
C VAL A 133 2.21 12.35 26.34
N LEU A 134 3.36 11.73 25.99
CA LEU A 134 3.61 10.37 26.44
C LEU A 134 3.70 10.27 27.95
N ARG A 135 3.16 9.17 28.50
CA ARG A 135 3.31 8.94 29.96
C ARG A 135 4.67 8.37 30.22
N ARG A 136 5.57 9.08 30.90
CA ARG A 136 6.92 8.56 31.15
C ARG A 136 6.94 7.18 31.78
N ASP A 137 6.01 6.86 32.69
CA ASP A 137 6.03 5.50 33.27
C ASP A 137 5.79 4.37 32.26
N LYS A 138 5.17 4.70 31.15
CA LYS A 138 4.81 3.67 30.17
C LYS A 138 5.86 3.53 29.08
N VAL A 139 6.91 4.35 29.09
CA VAL A 139 7.88 4.42 28.02
C VAL A 139 9.24 3.82 28.44
N PHE A 140 9.79 2.93 27.60
CA PHE A 140 11.04 2.26 27.99
C PHE A 140 12.15 2.54 26.98
N GLY A 141 11.94 3.34 25.99
CA GLY A 141 12.95 3.65 24.96
C GLY A 141 12.24 3.68 23.61
N ALA A 142 12.97 3.98 22.53
CA ALA A 142 12.35 4.08 21.23
C ALA A 142 13.40 3.99 20.14
N THR A 143 12.95 3.70 18.92
CA THR A 143 13.82 3.99 17.77
C THR A 143 13.30 5.26 17.11
N TYR A 144 14.16 5.96 16.38
CA TYR A 144 13.75 7.17 15.67
C TYR A 144 14.34 7.19 14.28
N ASP A 145 13.49 7.29 13.28
CA ASP A 145 13.90 7.27 11.86
C ASP A 145 13.70 8.67 11.29
N PRO A 146 14.75 9.46 11.16
CA PRO A 146 14.56 10.85 10.66
C PRO A 146 14.12 10.94 9.20
N THR A 147 14.11 9.81 8.49
CA THR A 147 13.89 9.80 7.05
C THR A 147 12.47 9.44 6.66
N GLY A 148 11.58 9.19 7.62
CA GLY A 148 10.18 8.89 7.32
C GLY A 148 9.49 10.05 6.64
N ALA A 149 8.41 9.74 5.91
CA ALA A 149 7.70 10.77 5.18
C ALA A 149 6.21 10.46 5.11
N ASP A 150 5.41 11.52 5.05
CA ASP A 150 4.01 11.41 4.68
C ASP A 150 3.89 11.42 3.16
N ILE A 151 2.99 10.63 2.62
CA ILE A 151 2.78 10.57 1.21
C ILE A 151 1.46 11.22 0.81
N ASP A 152 1.47 12.10 -0.20
CA ASP A 152 0.21 12.65 -0.73
C ASP A 152 -0.37 11.60 -1.67
N THR A 153 -1.14 10.70 -1.07
CA THR A 153 -1.52 9.49 -1.82
CA THR A 153 -1.58 9.50 -1.76
C THR A 153 -2.44 9.83 -2.96
N ASP A 154 -3.34 10.79 -2.76
CA ASP A 154 -4.23 11.12 -3.89
C ASP A 154 -3.43 11.71 -5.05
N ALA A 155 -2.47 12.61 -4.73
CA ALA A 155 -1.68 13.19 -5.81
C ALA A 155 -0.89 12.12 -6.57
N LEU A 156 -0.34 11.17 -5.80
CA LEU A 156 0.43 10.09 -6.42
C LEU A 156 -0.46 9.22 -7.28
N HIS A 157 -1.59 8.79 -6.71
CA HIS A 157 -2.51 7.93 -7.45
C HIS A 157 -3.03 8.62 -8.69
N GLN A 158 -3.49 9.87 -8.56
CA GLN A 158 -4.01 10.60 -9.72
C GLN A 158 -2.89 10.84 -10.72
N GLY A 159 -1.66 11.00 -10.26
CA GLY A 159 -0.56 11.18 -11.22
C GLY A 159 -0.34 9.96 -12.07
N TYR A 160 -0.39 8.76 -11.48
CA TYR A 160 -0.25 7.53 -12.25
C TYR A 160 -1.41 7.46 -13.25
N LEU A 161 -2.63 7.72 -12.80
CA LEU A 161 -3.78 7.55 -13.72
C LEU A 161 -3.72 8.55 -14.87
N ARG A 162 -3.34 9.78 -14.55
CA ARG A 162 -3.24 10.80 -15.61
C ARG A 162 -2.15 10.42 -16.60
N GLY A 163 -1.04 9.85 -16.11
CA GLY A 163 0.04 9.39 -17.00
C GLY A 163 -0.45 8.33 -17.99
N ILE A 164 -1.30 7.41 -17.53
CA ILE A 164 -1.90 6.43 -18.42
C ILE A 164 -2.69 7.14 -19.52
N ARG A 165 -3.52 8.08 -19.14
CA ARG A 165 -4.39 8.75 -20.12
C ARG A 165 -3.55 9.56 -21.09
N ARG A 166 -2.46 10.21 -20.62
CA ARG A 166 -1.65 10.98 -21.54
C ARG A 166 -0.91 10.08 -22.53
N ASN A 167 -0.79 8.79 -22.24
CA ASN A 167 -0.20 7.87 -23.18
C ASN A 167 -1.31 7.08 -23.90
N GLN A 168 -2.49 7.66 -24.02
CA GLN A 168 -3.61 7.13 -24.81
C GLN A 168 -4.18 5.87 -24.22
N GLY A 169 -3.85 5.59 -22.94
CA GLY A 169 -4.51 4.47 -22.27
C GLY A 169 -5.90 4.89 -21.79
N GLN A 170 -6.70 3.87 -21.40
CA GLN A 170 -8.04 4.18 -20.93
C GLN A 170 -8.15 3.73 -19.48
N VAL A 171 -8.83 4.51 -18.66
CA VAL A 171 -9.09 4.15 -17.27
C VAL A 171 -10.60 4.15 -17.16
N LEU A 172 -11.23 2.96 -17.10
CA LEU A 172 -12.67 2.82 -17.21
C LEU A 172 -13.28 2.44 -15.84
N CYS A 173 -13.98 3.37 -15.20
CA CYS A 173 -14.68 3.05 -13.94
C CYS A 173 -16.05 2.48 -14.28
N ASN A 174 -16.74 1.90 -13.32
CA ASN A 174 -18.00 1.25 -13.58
C ASN A 174 -17.86 0.12 -14.60
N HIS A 175 -16.72 -0.52 -14.58
CA HIS A 175 -16.39 -1.60 -15.52
C HIS A 175 -15.88 -2.80 -14.73
N GLU A 176 -16.76 -3.33 -13.85
CA GLU A 176 -16.40 -4.56 -13.15
C GLU A 176 -16.13 -5.69 -14.16
N ALA A 177 -15.05 -6.43 -13.95
CA ALA A 177 -14.81 -7.64 -14.74
C ALA A 177 -15.74 -8.71 -14.22
N LEU A 178 -16.67 -9.18 -15.06
CA LEU A 178 -17.68 -10.14 -14.64
C LEU A 178 -17.35 -11.57 -15.06
N GLU A 179 -16.67 -11.69 -16.20
CA GLU A 179 -16.25 -12.99 -16.72
C GLU A 179 -14.87 -12.80 -17.34
N ILE A 180 -14.06 -13.86 -17.29
CA ILE A 180 -12.70 -13.81 -17.86
C ILE A 180 -12.48 -15.15 -18.53
N ARG A 181 -12.08 -15.12 -19.78
CA ARG A 181 -11.88 -16.37 -20.54
C ARG A 181 -10.74 -16.31 -21.52
N ARG A 182 -9.96 -17.37 -21.70
CA ARG A 182 -8.86 -17.30 -22.67
C ARG A 182 -9.51 -17.72 -23.97
N VAL A 183 -9.55 -16.88 -24.99
CA VAL A 183 -10.27 -17.07 -26.23
C VAL A 183 -9.44 -16.58 -27.41
N ASP A 184 -9.12 -17.45 -28.36
CA ASP A 184 -8.36 -17.09 -29.54
C ASP A 184 -7.07 -16.33 -29.22
N GLY A 185 -6.27 -16.87 -28.28
CA GLY A 185 -4.94 -16.33 -27.97
C GLY A 185 -4.92 -15.05 -27.20
N ALA A 186 -6.04 -14.75 -26.56
CA ALA A 186 -6.07 -13.53 -25.77
C ALA A 186 -6.93 -13.81 -24.53
N TRP A 187 -6.69 -13.04 -23.50
CA TRP A 187 -7.61 -13.00 -22.38
C TRP A 187 -8.78 -12.06 -22.75
N GLU A 188 -9.99 -12.56 -22.56
CA GLU A 188 -11.19 -11.74 -22.90
C GLU A 188 -11.99 -11.52 -21.64
N VAL A 189 -12.18 -10.24 -21.29
CA VAL A 189 -12.90 -9.86 -20.10
C VAL A 189 -14.26 -9.33 -20.48
N ARG A 190 -15.34 -9.88 -19.92
CA ARG A 190 -16.67 -9.32 -20.14
C ARG A 190 -17.02 -8.37 -19.00
N CYS A 191 -17.36 -7.14 -19.34
CA CYS A 191 -17.92 -6.13 -18.45
C CYS A 191 -19.40 -6.00 -18.83
N ASP A 192 -20.19 -5.21 -18.08
CA ASP A 192 -21.65 -5.29 -18.34
C ASP A 192 -22.01 -4.66 -19.67
N ALA A 193 -21.19 -3.82 -20.29
CA ALA A 193 -21.65 -3.24 -21.58
C ALA A 193 -20.86 -3.73 -22.76
N GLY A 194 -19.78 -4.48 -22.55
CA GLY A 194 -18.97 -4.99 -23.63
C GLY A 194 -17.72 -5.71 -23.10
N SER A 195 -16.97 -6.29 -24.04
CA SER A 195 -15.82 -7.08 -23.71
C SER A 195 -14.54 -6.41 -24.22
N TYR A 196 -13.45 -6.86 -23.57
CA TYR A 196 -12.08 -6.35 -23.80
C TYR A 196 -11.15 -7.52 -24.02
N ARG A 197 -10.20 -7.41 -24.93
CA ARG A 197 -9.28 -8.51 -25.23
C ARG A 197 -7.86 -8.06 -25.23
N ALA A 198 -6.98 -8.81 -24.62
CA ALA A 198 -5.55 -8.53 -24.73
C ALA A 198 -4.73 -9.79 -24.45
N ALA A 199 -3.51 -9.86 -24.98
CA ALA A 199 -2.68 -11.02 -24.70
C ALA A 199 -2.30 -11.10 -23.23
N VAL A 200 -2.28 -9.97 -22.50
CA VAL A 200 -1.89 -9.95 -21.10
C VAL A 200 -3.05 -9.43 -20.22
N LEU A 201 -3.33 -10.21 -19.18
CA LEU A 201 -4.31 -9.81 -18.16
CA LEU A 201 -4.30 -9.85 -18.15
C LEU A 201 -3.48 -9.53 -16.91
N VAL A 202 -3.52 -8.27 -16.47
CA VAL A 202 -2.81 -7.85 -15.25
C VAL A 202 -3.79 -7.84 -14.08
N ASN A 203 -3.63 -8.77 -13.15
CA ASN A 203 -4.53 -8.87 -12.04
C ASN A 203 -4.07 -7.99 -10.89
N ALA A 204 -4.65 -6.81 -10.77
CA ALA A 204 -4.25 -5.80 -9.77
C ALA A 204 -5.47 -5.44 -8.90
N ALA A 205 -6.25 -6.50 -8.57
CA ALA A 205 -7.58 -6.30 -7.97
C ALA A 205 -7.56 -6.25 -6.45
N GLY A 206 -6.42 -5.95 -5.83
CA GLY A 206 -6.43 -5.71 -4.37
C GLY A 206 -6.81 -6.98 -3.63
N ALA A 207 -7.72 -6.82 -2.66
CA ALA A 207 -8.19 -7.97 -1.86
C ALA A 207 -8.91 -8.94 -2.77
N TRP A 208 -9.31 -8.56 -3.97
CA TRP A 208 -10.07 -9.46 -4.86
C TRP A 208 -9.16 -10.18 -5.85
N CYS A 209 -7.82 -10.16 -5.69
CA CYS A 209 -7.01 -10.83 -6.72
C CYS A 209 -7.32 -12.29 -6.85
N ASP A 210 -7.61 -13.02 -5.77
CA ASP A 210 -7.88 -14.47 -5.92
C ASP A 210 -9.27 -14.67 -6.55
N ALA A 211 -10.21 -13.73 -6.30
CA ALA A 211 -11.52 -13.80 -6.95
C ALA A 211 -11.37 -13.67 -8.47
N ILE A 212 -10.48 -12.79 -8.94
CA ILE A 212 -10.23 -12.64 -10.37
C ILE A 212 -9.64 -13.94 -10.91
N ALA A 213 -8.66 -14.52 -10.21
CA ALA A 213 -8.09 -15.82 -10.66
C ALA A 213 -9.21 -16.84 -10.77
N GLY A 214 -10.17 -16.82 -9.83
CA GLY A 214 -11.29 -17.77 -9.86
C GLY A 214 -12.16 -17.59 -11.07
N LEU A 215 -12.39 -16.37 -11.57
CA LEU A 215 -13.11 -16.17 -12.83
C LEU A 215 -12.38 -16.75 -14.03
N ALA A 216 -11.04 -16.65 -13.98
CA ALA A 216 -10.17 -17.07 -15.07
C ALA A 216 -9.80 -18.53 -15.04
N GLY A 217 -10.07 -19.27 -13.96
CA GLY A 217 -9.65 -20.67 -13.90
C GLY A 217 -8.18 -20.81 -13.58
N VAL A 218 -7.58 -19.83 -12.86
CA VAL A 218 -6.15 -19.85 -12.55
C VAL A 218 -5.99 -20.14 -11.08
N ARG A 219 -5.07 -20.97 -10.66
CA ARG A 219 -4.92 -21.36 -9.26
C ARG A 219 -4.58 -20.13 -8.43
N PRO A 220 -5.35 -19.89 -7.36
CA PRO A 220 -5.10 -18.67 -6.57
C PRO A 220 -3.85 -18.75 -5.72
N LEU A 221 -3.49 -17.57 -5.16
CA LEU A 221 -2.30 -17.52 -4.35
C LEU A 221 -2.52 -17.80 -2.87
N GLY A 222 -3.77 -17.82 -2.41
CA GLY A 222 -3.97 -17.91 -0.96
C GLY A 222 -3.94 -16.55 -0.30
N LEU A 223 -4.40 -15.50 -0.96
CA LEU A 223 -4.38 -14.15 -0.37
C LEU A 223 -5.34 -14.02 0.78
N GLN A 224 -4.88 -13.36 1.85
CA GLN A 224 -5.72 -13.18 3.02
C GLN A 224 -5.91 -11.68 3.25
N PRO A 225 -7.10 -11.13 2.98
CA PRO A 225 -7.37 -9.76 3.39
C PRO A 225 -7.44 -9.65 4.90
N LYS A 226 -6.96 -8.53 5.44
CA LYS A 226 -7.02 -8.29 6.88
C LYS A 226 -7.51 -6.86 7.14
N ARG A 227 -8.53 -6.72 7.98
CA ARG A 227 -9.08 -5.41 8.31
C ARG A 227 -8.18 -4.61 9.23
N ARG A 228 -7.96 -3.33 8.90
CA ARG A 228 -7.33 -2.40 9.83
C ARG A 228 -8.23 -1.17 9.89
N SER A 229 -8.58 -0.74 11.10
CA SER A 229 -9.44 0.45 11.26
C SER A 229 -8.58 1.63 11.70
N ALA A 230 -9.09 2.81 11.44
CA ALA A 230 -8.39 4.04 11.83
C ALA A 230 -9.43 5.13 12.09
N PHE A 231 -9.00 6.19 12.74
CA PHE A 231 -9.96 7.28 13.07
C PHE A 231 -9.21 8.59 13.19
N ILE A 232 -9.92 9.68 13.01
CA ILE A 232 -9.38 11.03 13.16
C ILE A 232 -10.08 11.71 14.33
N PHE A 233 -9.31 12.35 15.18
CA PHE A 233 -9.87 13.06 16.32
C PHE A 233 -9.14 14.36 16.57
N ALA A 234 -9.75 15.25 17.30
CA ALA A 234 -9.21 16.57 17.60
C ALA A 234 -8.23 16.48 18.76
N PRO A 235 -7.11 17.15 18.72
CA PRO A 235 -6.23 17.25 19.89
C PRO A 235 -6.86 18.16 20.94
N PRO A 236 -6.46 17.97 22.20
CA PRO A 236 -7.00 18.81 23.28
C PRO A 236 -6.58 20.24 23.04
N PRO A 237 -7.35 21.21 23.50
CA PRO A 237 -6.90 22.60 23.38
C PRO A 237 -5.52 22.79 23.99
N GLY A 238 -4.63 23.59 23.41
CA GLY A 238 -3.33 23.71 24.07
C GLY A 238 -2.28 22.70 23.68
N ILE A 239 -2.63 21.63 22.98
CA ILE A 239 -1.64 20.68 22.47
C ILE A 239 -1.28 21.09 21.05
N ASP A 240 -0.09 21.58 20.70
CA ASP A 240 0.27 21.78 19.27
C ASP A 240 1.09 20.54 18.84
N CYS A 241 0.34 19.70 18.15
CA CYS A 241 0.91 18.43 17.70
C CYS A 241 1.29 18.38 16.23
N HIS A 242 1.27 19.49 15.49
N HIS A 242 1.28 19.52 15.55
CA HIS A 242 1.40 19.29 14.04
CA HIS A 242 1.49 19.57 14.11
C HIS A 242 2.80 18.85 13.61
C HIS A 242 2.75 18.84 13.68
N ASP A 243 3.81 18.96 14.46
CA ASP A 243 5.13 18.48 14.00
C ASP A 243 5.53 17.18 14.69
N TRP A 244 4.59 16.52 15.40
CA TRP A 244 4.96 15.23 16.00
C TRP A 244 5.30 14.20 14.91
N PRO A 245 6.18 13.25 15.24
CA PRO A 245 6.45 12.15 14.29
C PRO A 245 5.25 11.23 14.22
N MET A 246 5.29 10.29 13.27
CA MET A 246 4.43 9.15 13.42
CA MET A 246 4.48 9.09 13.35
C MET A 246 4.92 8.32 14.60
N LEU A 247 4.02 8.02 15.53
CA LEU A 247 4.33 7.31 16.75
C LEU A 247 3.74 5.89 16.67
N VAL A 248 4.52 4.85 16.79
CA VAL A 248 4.04 3.47 16.70
C VAL A 248 4.52 2.71 17.91
N SER A 249 3.68 1.84 18.48
CA SER A 249 4.26 1.00 19.56
C SER A 249 5.11 -0.14 18.98
N LEU A 250 6.06 -0.61 19.77
CA LEU A 250 7.05 -1.59 19.40
C LEU A 250 6.40 -2.89 18.94
N ASP A 251 5.25 -3.24 19.49
CA ASP A 251 4.56 -4.47 19.08
C ASP A 251 3.37 -4.15 18.17
N GLU A 252 3.38 -2.97 17.56
CA GLU A 252 2.37 -2.54 16.59
C GLU A 252 0.98 -2.67 17.23
N SER A 253 0.84 -2.39 18.54
CA SER A 253 -0.50 -2.40 19.14
C SER A 253 -1.33 -1.15 18.84
N PHE A 254 -0.69 -0.05 18.48
CA PHE A 254 -1.41 1.17 18.03
C PHE A 254 -0.43 2.07 17.30
N TYR A 255 -1.00 3.05 16.58
CA TYR A 255 -0.17 4.18 16.16
C TYR A 255 -0.98 5.48 16.16
N LEU A 256 -0.25 6.58 16.08
CA LEU A 256 -0.77 7.92 16.22
C LEU A 256 0.04 8.86 15.36
N LYS A 257 -0.57 9.65 14.51
CA LYS A 257 0.20 10.57 13.65
C LYS A 257 -0.60 11.83 13.43
N PRO A 258 0.01 13.02 13.34
CA PRO A 258 -0.74 14.22 12.95
C PRO A 258 -1.26 14.10 11.52
N ASP A 259 -2.46 14.68 11.33
CA ASP A 259 -3.06 14.73 9.99
C ASP A 259 -3.78 16.07 9.89
N ALA A 260 -3.34 17.06 9.12
N ALA A 260 -3.04 16.91 9.17
CA ALA A 260 -4.10 18.27 8.86
CA ALA A 260 -2.93 18.35 9.21
C ALA A 260 -4.70 19.00 10.06
C ALA A 260 -2.85 18.81 10.67
N GLY A 261 -4.00 19.22 11.14
CA GLY A 261 -4.38 19.83 12.38
C GLY A 261 -5.14 18.90 13.32
N MET A 262 -5.41 17.71 12.85
CA MET A 262 -6.02 16.68 13.65
C MET A 262 -5.03 15.54 13.98
N LEU A 263 -5.52 14.49 14.66
CA LEU A 263 -4.70 13.33 14.95
C LEU A 263 -5.36 12.09 14.33
N LEU A 264 -4.56 11.24 13.72
CA LEU A 264 -4.97 9.95 13.19
C LEU A 264 -4.51 8.92 14.22
N GLY A 265 -5.45 8.09 14.64
CA GLY A 265 -5.09 6.98 15.53
C GLY A 265 -5.57 5.65 14.93
N SER A 266 -4.98 4.54 15.36
CA SER A 266 -5.37 3.24 14.89
C SER A 266 -4.94 2.18 15.90
N PRO A 267 -5.75 1.15 16.07
CA PRO A 267 -5.29 -0.02 16.84
C PRO A 267 -4.40 -0.91 16.00
N ALA A 268 -4.09 -0.56 14.74
CA ALA A 268 -3.10 -1.31 13.93
C ALA A 268 -3.51 -2.77 13.85
N ASN A 269 -4.78 -3.05 13.69
CA ASN A 269 -5.26 -4.44 13.69
C ASN A 269 -5.09 -5.10 12.31
N ALA A 270 -5.35 -6.41 12.31
CA ALA A 270 -5.12 -7.27 11.16
C ALA A 270 -6.06 -8.48 11.30
N ASP A 271 -7.36 -8.13 11.37
CA ASP A 271 -8.37 -9.19 11.56
C ASP A 271 -8.69 -9.85 10.24
N PRO A 272 -8.52 -11.15 10.08
CA PRO A 272 -8.74 -11.78 8.77
C PRO A 272 -10.20 -11.77 8.39
N VAL A 273 -10.52 -11.35 7.16
CA VAL A 273 -11.86 -11.20 6.64
C VAL A 273 -11.89 -11.51 5.15
N GLU A 274 -13.07 -11.72 4.61
CA GLU A 274 -13.26 -11.87 3.16
C GLU A 274 -13.11 -10.51 2.48
N ALA A 275 -12.77 -10.54 1.17
CA ALA A 275 -12.79 -9.28 0.40
C ALA A 275 -14.20 -8.69 0.37
N HIS A 276 -14.38 -7.45 0.80
CA HIS A 276 -15.68 -6.79 0.73
C HIS A 276 -15.43 -5.30 0.97
N ASP A 277 -16.45 -4.47 0.91
CA ASP A 277 -16.35 -3.04 1.26
C ASP A 277 -16.36 -2.92 2.77
N VAL A 278 -15.17 -2.94 3.37
CA VAL A 278 -15.07 -3.15 4.80
C VAL A 278 -15.33 -1.89 5.59
N GLN A 279 -16.05 -2.04 6.68
CA GLN A 279 -16.39 -0.92 7.56
CA GLN A 279 -16.45 -1.00 7.60
C GLN A 279 -15.68 -1.07 8.90
N PRO A 280 -15.47 0.03 9.61
CA PRO A 280 -14.83 -0.09 10.91
C PRO A 280 -15.72 -0.83 11.92
N GLU A 281 -15.06 -1.56 12.81
CA GLU A 281 -15.77 -2.19 13.92
C GLU A 281 -15.62 -1.33 15.16
N GLN A 282 -16.73 -1.17 15.87
CA GLN A 282 -16.68 -0.39 17.13
C GLN A 282 -15.59 -0.89 18.04
N LEU A 283 -15.41 -2.19 18.21
CA LEU A 283 -14.35 -2.67 19.12
C LEU A 283 -12.97 -2.23 18.63
N ASP A 284 -12.76 -2.17 17.33
CA ASP A 284 -11.47 -1.70 16.82
C ASP A 284 -11.20 -0.27 17.29
N ILE A 285 -12.20 0.60 17.07
CA ILE A 285 -12.04 2.02 17.39
C ILE A 285 -11.87 2.18 18.89
N ALA A 286 -12.71 1.51 19.68
CA ALA A 286 -12.60 1.66 21.14
C ALA A 286 -11.27 1.18 21.65
N THR A 287 -10.69 0.13 21.09
CA THR A 287 -9.38 -0.41 21.48
C THR A 287 -8.30 0.62 21.15
N GLY A 288 -8.31 1.18 19.95
CA GLY A 288 -7.28 2.18 19.60
C GLY A 288 -7.37 3.37 20.54
N MET A 289 -8.59 3.86 20.85
CA MET A 289 -8.70 5.02 21.73
C MET A 289 -8.22 4.67 23.12
N TYR A 290 -8.60 3.48 23.62
CA TYR A 290 -8.16 3.07 24.96
C TYR A 290 -6.65 3.02 25.03
N LEU A 291 -5.98 2.48 24.03
CA LEU A 291 -4.51 2.32 24.12
C LEU A 291 -3.87 3.69 24.05
N ILE A 292 -4.37 4.61 23.24
CA ILE A 292 -3.77 5.96 23.21
C ILE A 292 -3.97 6.69 24.53
N GLU A 293 -5.15 6.53 25.13
CA GLU A 293 -5.44 7.18 26.43
C GLU A 293 -4.62 6.58 27.55
N GLU A 294 -4.15 5.34 27.42
CA GLU A 294 -3.33 4.72 28.47
C GLU A 294 -1.87 5.13 28.29
N ALA A 295 -1.41 5.32 27.03
CA ALA A 295 0.00 5.57 26.74
C ALA A 295 0.31 7.06 26.84
N THR A 296 -0.72 7.91 26.80
CA THR A 296 -0.50 9.38 26.70
C THR A 296 -1.49 10.05 27.64
N THR A 297 -1.30 11.37 27.79
CA THR A 297 -2.26 12.15 28.52
C THR A 297 -3.46 12.57 27.69
N LEU A 298 -3.53 12.23 26.40
CA LEU A 298 -4.66 12.65 25.56
C LEU A 298 -5.96 12.05 26.01
N THR A 299 -7.03 12.82 25.90
CA THR A 299 -8.36 12.26 26.10
C THR A 299 -9.09 12.47 24.75
N ILE A 300 -9.86 11.52 24.33
CA ILE A 300 -10.42 11.55 22.99
C ILE A 300 -11.94 11.66 23.12
N ARG A 301 -12.56 12.69 22.59
CA ARG A 301 -13.94 12.88 22.90
C ARG A 301 -14.86 12.07 22.00
N ARG A 302 -14.67 12.21 20.71
CA ARG A 302 -15.42 11.47 19.72
C ARG A 302 -14.76 11.70 18.34
N PRO A 303 -14.74 10.69 17.53
CA PRO A 303 -13.98 10.85 16.28
C PRO A 303 -14.74 11.69 15.26
N GLU A 304 -13.97 12.38 14.42
CA GLU A 304 -14.62 13.10 13.31
C GLU A 304 -14.80 12.21 12.10
N HIS A 305 -13.92 11.20 11.96
CA HIS A 305 -13.96 10.28 10.86
C HIS A 305 -13.51 8.90 11.37
N THR A 306 -14.15 7.84 10.90
CA THR A 306 -13.69 6.49 11.12
C THR A 306 -13.79 5.73 9.82
N TRP A 307 -12.88 4.76 9.68
CA TRP A 307 -12.94 3.93 8.50
C TRP A 307 -12.12 2.67 8.75
N ALA A 308 -12.24 1.71 7.83
CA ALA A 308 -11.36 0.54 7.86
C ALA A 308 -10.99 0.19 6.43
N GLY A 309 -9.84 -0.45 6.24
CA GLY A 309 -9.51 -0.91 4.90
C GLY A 309 -8.87 -2.28 4.99
N LEU A 310 -8.61 -2.86 3.82
CA LEU A 310 -8.02 -4.19 3.76
C LEU A 310 -6.55 -4.18 3.38
N ARG A 311 -5.74 -4.86 4.19
CA ARG A 311 -4.32 -5.07 3.92
C ARG A 311 -4.22 -6.55 3.60
N SER A 312 -3.82 -6.88 2.37
CA SER A 312 -3.97 -8.27 1.92
C SER A 312 -2.61 -8.95 1.72
N PHE A 313 -2.44 -10.15 2.30
CA PHE A 313 -1.14 -10.81 2.37
C PHE A 313 -1.17 -12.22 1.84
N VAL A 314 -0.02 -12.67 1.33
CA VAL A 314 0.19 -14.12 1.11
C VAL A 314 1.03 -14.59 2.27
N ALA A 315 1.27 -15.90 2.30
CA ALA A 315 1.76 -16.57 3.49
C ALA A 315 3.08 -15.97 3.98
N ASP A 316 3.99 -15.58 3.08
CA ASP A 316 5.33 -15.14 3.51
C ASP A 316 5.44 -13.64 3.72
N GLY A 317 4.34 -12.90 3.53
CA GLY A 317 4.33 -11.48 3.79
C GLY A 317 4.94 -10.63 2.72
N ASP A 318 5.42 -11.21 1.65
CA ASP A 318 6.05 -10.46 0.58
C ASP A 318 5.08 -10.11 -0.55
N LEU A 319 5.34 -9.10 -1.36
CA LEU A 319 4.49 -8.77 -2.51
C LEU A 319 4.69 -9.75 -3.64
N VAL A 320 3.77 -9.75 -4.58
CA VAL A 320 3.84 -10.67 -5.73
C VAL A 320 3.76 -9.86 -7.02
N ALA A 321 4.72 -10.01 -7.90
CA ALA A 321 4.65 -9.39 -9.24
C ALA A 321 5.25 -10.44 -10.17
N GLY A 322 4.43 -11.11 -10.96
CA GLY A 322 5.00 -12.10 -11.89
C GLY A 322 3.92 -12.86 -12.63
N TYR A 323 4.27 -13.48 -13.76
CA TYR A 323 3.34 -14.31 -14.51
C TYR A 323 2.99 -15.56 -13.71
N ALA A 324 1.74 -15.97 -13.80
CA ALA A 324 1.34 -17.21 -13.21
C ALA A 324 2.04 -18.37 -13.90
N ALA A 325 2.46 -19.36 -13.10
CA ALA A 325 3.05 -20.53 -13.83
C ALA A 325 1.96 -21.25 -14.60
N ASN A 326 2.21 -21.72 -15.84
CA ASN A 326 1.17 -22.56 -16.45
C ASN A 326 -0.15 -21.83 -16.68
N ALA A 327 -0.13 -20.50 -16.83
CA ALA A 327 -1.32 -19.75 -17.28
C ALA A 327 -0.85 -18.55 -18.08
N GLU A 328 -0.62 -18.85 -19.35
CA GLU A 328 -0.03 -17.88 -20.26
C GLU A 328 -0.70 -16.53 -20.20
N GLY A 329 0.07 -15.47 -20.03
CA GLY A 329 -0.46 -14.10 -20.12
C GLY A 329 -1.16 -13.59 -18.87
N PHE A 330 -1.27 -14.38 -17.80
CA PHE A 330 -1.91 -13.94 -16.55
C PHE A 330 -0.85 -13.48 -15.57
N PHE A 331 -0.89 -12.17 -15.28
CA PHE A 331 0.21 -11.57 -14.47
C PHE A 331 -0.35 -11.07 -13.15
N TRP A 332 0.21 -11.54 -12.02
CA TRP A 332 -0.23 -11.07 -10.72
C TRP A 332 0.46 -9.78 -10.29
N VAL A 333 -0.31 -8.83 -9.78
CA VAL A 333 0.27 -7.65 -9.10
C VAL A 333 -0.46 -7.60 -7.75
N ALA A 334 0.02 -8.31 -6.75
CA ALA A 334 -0.81 -8.67 -5.62
C ALA A 334 -0.04 -8.68 -4.29
N ALA A 335 -0.82 -8.84 -3.20
CA ALA A 335 -0.23 -9.06 -1.87
C ALA A 335 0.55 -7.84 -1.41
N GLN A 336 -0.02 -6.65 -1.69
CA GLN A 336 0.56 -5.37 -1.29
C GLN A 336 0.57 -5.20 0.22
N GLY A 337 -0.21 -5.98 0.97
CA GLY A 337 -0.12 -5.95 2.44
C GLY A 337 -0.33 -4.53 2.98
N GLY A 338 0.50 -4.13 3.94
CA GLY A 338 0.45 -2.78 4.52
C GLY A 338 1.37 -1.78 3.86
N TYR A 339 1.72 -2.04 2.57
CA TYR A 339 2.87 -1.37 1.99
C TYR A 339 2.62 -0.93 0.56
N GLY A 340 1.38 -0.97 0.08
CA GLY A 340 1.21 -0.77 -1.36
C GLY A 340 1.46 0.63 -1.83
N ILE A 341 1.30 1.63 -0.97
CA ILE A 341 1.51 3.00 -1.46
C ILE A 341 3.03 3.22 -1.53
N GLN A 342 3.73 2.92 -0.44
CA GLN A 342 5.16 3.20 -0.33
C GLN A 342 6.02 2.37 -1.24
N THR A 343 5.52 1.26 -1.74
CA THR A 343 6.29 0.43 -2.66
C THR A 343 5.84 0.64 -4.10
N SER A 344 4.88 1.54 -4.35
CA SER A 344 4.22 1.51 -5.66
C SER A 344 5.13 1.90 -6.79
N ALA A 345 6.06 2.84 -6.62
CA ALA A 345 6.89 3.21 -7.78
C ALA A 345 7.75 2.04 -8.20
N ALA A 346 8.37 1.32 -7.27
CA ALA A 346 9.19 0.18 -7.65
C ALA A 346 8.32 -0.97 -8.15
N MET A 347 7.20 -1.22 -7.51
CA MET A 347 6.35 -2.32 -7.97
C MET A 347 5.79 -2.01 -9.35
N GLY A 348 5.39 -0.77 -9.61
CA GLY A 348 4.84 -0.48 -10.94
C GLY A 348 5.91 -0.61 -12.01
N GLU A 349 7.11 -0.07 -11.75
CA GLU A 349 8.20 -0.20 -12.72
C GLU A 349 8.63 -1.65 -12.91
N ALA A 350 8.81 -2.41 -11.81
CA ALA A 350 9.21 -3.80 -11.94
C ALA A 350 8.16 -4.63 -12.66
N SER A 351 6.90 -4.45 -12.29
CA SER A 351 5.83 -5.28 -12.85
C SER A 351 5.72 -4.99 -14.35
N ALA A 352 5.76 -3.72 -14.74
CA ALA A 352 5.68 -3.41 -16.15
C ALA A 352 6.84 -4.01 -16.95
N ALA A 353 8.06 -3.96 -16.38
CA ALA A 353 9.21 -4.53 -17.07
C ALA A 353 8.98 -6.03 -17.26
N LEU A 354 8.54 -6.71 -16.17
CA LEU A 354 8.39 -8.16 -16.27
C LEU A 354 7.26 -8.54 -17.19
N ILE A 355 6.16 -7.78 -17.19
CA ILE A 355 5.06 -8.07 -18.13
C ILE A 355 5.59 -8.01 -19.55
N ARG A 356 6.48 -7.06 -19.85
CA ARG A 356 7.06 -6.84 -21.18
C ARG A 356 8.27 -7.75 -21.44
N HIS A 357 8.53 -8.70 -20.53
CA HIS A 357 9.66 -9.62 -20.73
C HIS A 357 10.99 -8.93 -20.76
N GLN A 358 11.14 -7.81 -20.05
CA GLN A 358 12.38 -7.07 -19.96
C GLN A 358 13.05 -7.36 -18.62
N PRO A 359 14.36 -7.17 -18.57
CA PRO A 359 15.07 -7.27 -17.30
C PRO A 359 14.57 -6.17 -16.34
N LEU A 360 14.68 -6.42 -15.04
CA LEU A 360 14.41 -5.30 -14.14
C LEU A 360 15.42 -4.19 -14.36
N PRO A 361 14.99 -2.94 -14.34
CA PRO A 361 15.89 -1.80 -14.44
C PRO A 361 17.03 -1.83 -13.41
N ALA A 362 18.21 -1.32 -13.78
CA ALA A 362 19.38 -1.35 -12.90
C ALA A 362 19.08 -0.83 -11.51
N HIS A 363 18.36 0.30 -11.44
CA HIS A 363 18.24 0.95 -10.14
C HIS A 363 17.47 0.03 -9.19
N LEU A 364 16.56 -0.76 -9.72
CA LEU A 364 15.82 -1.72 -8.89
C LEU A 364 16.75 -2.86 -8.48
N ARG A 365 17.52 -3.40 -9.44
CA ARG A 365 18.48 -4.45 -9.15
C ARG A 365 19.49 -4.03 -8.08
N GLU A 366 19.91 -2.76 -8.12
CA GLU A 366 20.89 -2.22 -7.17
C GLU A 366 20.34 -2.20 -5.76
N HIS A 367 19.00 -2.20 -5.64
CA HIS A 367 18.41 -2.28 -4.31
C HIS A 367 18.18 -3.68 -3.77
N GLY A 368 18.70 -4.70 -4.43
CA GLY A 368 18.60 -6.08 -3.99
C GLY A 368 17.28 -6.75 -4.35
N LEU A 369 16.71 -6.40 -5.50
CA LEU A 369 15.51 -6.92 -6.10
C LEU A 369 15.87 -7.79 -7.31
N ASP A 370 15.07 -8.83 -7.53
CA ASP A 370 15.22 -9.70 -8.68
C ASP A 370 13.88 -10.35 -8.96
N GLU A 371 13.82 -10.90 -10.15
CA GLU A 371 12.57 -11.51 -10.60
C GLU A 371 12.10 -12.61 -9.66
N ALA A 372 12.98 -13.50 -9.20
CA ALA A 372 12.49 -14.63 -8.41
C ALA A 372 11.92 -14.22 -7.08
N MET A 373 12.44 -13.17 -6.45
CA MET A 373 11.89 -12.76 -5.16
CA MET A 373 11.85 -12.82 -5.14
C MET A 373 10.49 -12.16 -5.30
N LEU A 374 10.14 -11.73 -6.51
CA LEU A 374 8.79 -11.17 -6.77
C LEU A 374 7.81 -12.22 -7.26
N SER A 375 8.28 -13.34 -7.78
CA SER A 375 7.44 -14.30 -8.52
C SER A 375 6.46 -15.06 -7.64
N PRO A 376 5.27 -15.37 -8.11
CA PRO A 376 4.33 -16.21 -7.33
C PRO A 376 4.85 -17.64 -7.21
N ARG A 377 5.81 -18.02 -8.05
CA ARG A 377 6.38 -19.39 -8.03
C ARG A 377 7.02 -19.71 -6.69
N ARG A 378 7.53 -18.69 -5.97
CA ARG A 378 8.10 -18.99 -4.66
C ARG A 378 7.10 -19.48 -3.63
N LEU A 379 5.81 -19.25 -3.81
CA LEU A 379 4.86 -19.73 -2.80
C LEU A 379 4.62 -21.21 -2.86
N SER A 380 5.16 -21.91 -3.86
CA SER A 380 5.05 -23.37 -3.96
C SER A 380 6.40 -24.09 -4.01
N PRO A 381 6.40 -25.27 -3.42
CA PRO A 381 7.23 -26.45 -3.62
C PRO A 381 6.48 -27.65 -4.17
#